data_3G8Y
#
_entry.id   3G8Y
#
_cell.length_a   75.903
_cell.length_b   75.903
_cell.length_c   323.386
_cell.angle_alpha   90.000
_cell.angle_beta   90.000
_cell.angle_gamma   120.000
#
_symmetry.space_group_name_H-M   'P 61 2 2'
#
loop_
_entity.id
_entity.type
_entity.pdbx_description
1 polymer 'SusD/RagB-associated esterase-like protein'
2 non-polymer 1,2-ETHANEDIOL
3 non-polymer DI(HYDROXYETHYL)ETHER
4 water water
#
_entity_poly.entity_id   1
_entity_poly.type   'polypeptide(L)'
_entity_poly.pdbx_seq_one_letter_code
;GYQPEKHAVVKSDRGDGRLLSTYAIVHE(MSE)LKDTHPQYAYRSG(MSE)SAQEFTQWQDGVRAA(MSE)VEI(MSE)K
FPEIKRQPSPVCVKTEKKEGYILEKWEFYPFPKSVSTFLVLKPEHLKGAVPGVLCIPGSGRTKEGLVGEPGICDKLTEDY
NNPKVS(MSE)ALN(MSE)VKEGYVAVAVDNAAAGEASDLECYDKGWNYDYDVVSRFLLELGWSWLGYTSYLD(MSE)QV
LNW(MSE)KAQSYIRKDRIVISGFSLGTEP(MSE)(MSE)VLGVLDKDIYAFVYNDFLCQTQERAVV(MSE)TKPDKENR
RPFPNSIRHLIPGYWRYFNFPDVVASLAPRPIIFTEGGLDRDFRLVQSAYAASGKPENAEFHHYPKFADKAVRKDVEHLD
EGLDSKTYFEAVNVDPPSHYFKNELVIPWLRKVLK
;
_entity_poly.pdbx_strand_id   A
#
loop_
_chem_comp.id
_chem_comp.type
_chem_comp.name
_chem_comp.formula
EDO non-polymer 1,2-ETHANEDIOL 'C2 H6 O2'
PEG non-polymer DI(HYDROXYETHYL)ETHER 'C4 H10 O3'
#
# COMPACT_ATOMS: atom_id res chain seq x y z
N GLY A 1 -25.44 -36.31 -0.50
CA GLY A 1 -24.18 -36.95 -0.98
C GLY A 1 -23.04 -35.95 -1.04
N TYR A 2 -22.17 -36.09 -2.04
CA TYR A 2 -21.03 -35.17 -2.23
C TYR A 2 -21.49 -33.77 -2.57
N GLN A 3 -20.84 -32.78 -1.97
CA GLN A 3 -21.13 -31.38 -2.20
C GLN A 3 -19.82 -30.62 -1.95
N PRO A 4 -19.22 -30.03 -2.99
CA PRO A 4 -17.96 -29.26 -2.78
C PRO A 4 -18.03 -28.18 -1.68
N GLU A 5 -19.17 -27.52 -1.57
CA GLU A 5 -19.40 -26.48 -0.56
C GLU A 5 -19.28 -27.01 0.87
N LYS A 6 -19.50 -28.31 1.07
CA LYS A 6 -19.31 -28.90 2.41
C LYS A 6 -17.83 -29.03 2.76
N HIS A 7 -16.93 -28.69 1.84
CA HIS A 7 -15.51 -28.73 2.14
C HIS A 7 -14.92 -27.35 2.42
N ALA A 8 -15.77 -26.32 2.44
CA ALA A 8 -15.32 -24.93 2.60
C ALA A 8 -14.61 -24.68 3.92
N VAL A 9 -15.11 -25.28 4.99
CA VAL A 9 -14.56 -25.09 6.31
C VAL A 9 -13.61 -26.26 6.60
N VAL A 10 -12.39 -25.91 6.99
CA VAL A 10 -11.33 -26.87 7.31
C VAL A 10 -11.48 -27.29 8.77
N LYS A 11 -11.61 -28.58 9.01
CA LYS A 11 -11.81 -29.06 10.37
C LYS A 11 -11.40 -30.53 10.44
N SER A 12 -11.08 -30.99 11.64
CA SER A 12 -10.68 -32.36 11.87
C SER A 12 -11.83 -33.34 11.74
N ASP A 13 -11.57 -34.50 11.14
CA ASP A 13 -12.56 -35.58 11.09
C ASP A 13 -12.20 -36.69 12.09
N ARG A 14 -11.30 -36.38 13.01
CA ARG A 14 -10.81 -37.32 14.02
C ARG A 14 -11.29 -37.00 15.42
N GLY A 15 -11.57 -38.06 16.19
CA GLY A 15 -11.96 -37.91 17.56
C GLY A 15 -10.89 -37.22 18.38
N ASP A 16 -9.61 -37.39 18.00
CA ASP A 16 -8.54 -36.73 18.74
C ASP A 16 -8.30 -35.28 18.31
N GLY A 17 -9.06 -34.81 17.34
CA GLY A 17 -8.97 -33.42 16.88
C GLY A 17 -7.83 -33.10 15.94
N ARG A 18 -6.97 -34.08 15.65
CA ARG A 18 -5.77 -33.81 14.83
C ARG A 18 -6.13 -33.66 13.36
N LEU A 19 -5.28 -32.90 12.67
CA LEU A 19 -5.46 -32.58 11.27
C LEU A 19 -4.46 -33.38 10.47
N LEU A 20 -4.92 -33.97 9.39
CA LEU A 20 -4.09 -34.83 8.51
C LEU A 20 -3.61 -34.14 7.23
N SER A 21 -4.43 -33.29 6.61
CA SER A 21 -3.99 -32.67 5.36
C SER A 21 -2.96 -31.64 5.70
N THR A 22 -1.91 -31.54 4.89
CA THR A 22 -0.91 -30.51 5.14
C THR A 22 -1.61 -29.14 5.04
N TYR A 23 -2.52 -28.95 4.09
CA TYR A 23 -3.28 -27.69 4.00
C TYR A 23 -3.86 -27.34 5.37
N ALA A 24 -4.60 -28.28 5.97
CA ALA A 24 -5.24 -28.02 7.25
C ALA A 24 -4.20 -27.71 8.34
N ILE A 25 -3.08 -28.41 8.34
CA ILE A 25 -2.07 -28.21 9.37
C ILE A 25 -1.42 -26.84 9.29
N VAL A 26 -1.06 -26.43 8.09
CA VAL A 26 -0.39 -25.13 7.92
C VAL A 26 -1.40 -24.00 8.13
N HIS A 27 -2.63 -24.21 7.68
CA HIS A 27 -3.72 -23.27 7.94
C HIS A 27 -3.92 -23.07 9.47
N GLU A 28 -3.87 -24.16 10.23
CA GLU A 28 -3.96 -24.09 11.69
C GLU A 28 -2.78 -23.35 12.31
N MSE A 29 -1.59 -23.61 11.79
CA MSE A 29 -0.40 -22.85 12.21
C MSE A 29 -0.62 -21.35 12.04
O MSE A 29 -0.26 -20.56 12.92
CB MSE A 29 0.82 -23.31 11.38
CG MSE A 29 1.32 -24.64 11.77
SE MSE A 29 2.86 -25.14 10.63
CE MSE A 29 3.14 -26.87 11.51
N LEU A 30 -1.24 -20.94 10.94
CA LEU A 30 -1.53 -19.50 10.74
C LEU A 30 -2.57 -19.01 11.77
N LYS A 31 -3.62 -19.82 11.99
CA LYS A 31 -4.63 -19.49 13.00
C LYS A 31 -4.04 -19.34 14.37
N ASP A 32 -3.02 -20.14 14.66
CA ASP A 32 -2.32 -20.10 15.93
C ASP A 32 -1.19 -19.08 16.02
N THR A 33 -1.02 -18.26 14.99
CA THR A 33 0.00 -17.21 15.04
C THR A 33 -0.60 -15.92 15.62
N HIS A 34 0.00 -15.44 16.70
CA HIS A 34 -0.44 -14.26 17.42
C HIS A 34 0.58 -13.17 17.20
N PRO A 35 0.27 -12.22 16.33
CA PRO A 35 1.31 -11.25 16.01
C PRO A 35 1.83 -10.48 17.21
N GLN A 36 3.14 -10.38 17.30
CA GLN A 36 3.80 -9.75 18.44
C GLN A 36 3.38 -8.32 18.71
N TYR A 37 3.25 -7.52 17.67
CA TYR A 37 2.84 -6.12 17.83
C TYR A 37 1.38 -5.86 17.43
N ALA A 38 0.51 -6.84 17.66
CA ALA A 38 -0.89 -6.62 17.46
C ALA A 38 -1.22 -5.46 18.41
N TYR A 39 -1.98 -4.47 17.94
CA TYR A 39 -2.32 -3.34 18.76
C TYR A 39 -3.29 -3.78 19.87
N ARG A 40 -3.07 -3.26 21.07
CA ARG A 40 -3.90 -3.49 22.25
C ARG A 40 -4.33 -2.14 22.82
N SER A 41 -5.62 -1.98 23.13
CA SER A 41 -6.10 -0.72 23.72
C SER A 41 -5.71 -0.64 25.18
N GLY A 42 -5.70 0.57 25.73
CA GLY A 42 -5.41 0.79 27.15
C GLY A 42 -3.96 0.89 27.57
N MSE A 43 -3.07 1.15 26.61
CA MSE A 43 -1.67 1.27 26.92
C MSE A 43 -1.34 2.64 27.48
O MSE A 43 -1.93 3.64 27.06
CB MSE A 43 -0.82 1.06 25.65
CG MSE A 43 -0.72 -0.37 25.19
SE MSE A 43 0.53 -0.44 23.64
CE MSE A 43 -0.64 0.30 22.27
N SER A 44 -0.37 2.69 28.38
CA SER A 44 0.12 3.95 28.89
C SER A 44 0.83 4.64 27.76
N ALA A 45 1.10 5.93 27.93
CA ALA A 45 1.78 6.69 26.90
C ALA A 45 3.16 6.12 26.58
N GLN A 46 3.85 5.63 27.61
CA GLN A 46 5.16 5.01 27.46
C GLN A 46 5.02 3.69 26.71
N GLU A 47 4.01 2.90 27.07
CA GLU A 47 3.75 1.65 26.38
C GLU A 47 3.41 1.90 24.91
N PHE A 48 2.62 2.93 24.63
CA PHE A 48 2.25 3.24 23.27
C PHE A 48 3.51 3.56 22.43
N THR A 49 4.37 4.41 22.99
N THR A 49 4.44 4.32 23.00
CA THR A 49 5.62 4.80 22.31
CA THR A 49 5.71 4.61 22.29
C THR A 49 6.52 3.61 22.06
C THR A 49 6.59 3.36 22.15
N GLN A 50 6.59 2.74 23.05
N GLN A 50 6.65 2.51 23.18
CA GLN A 50 7.42 1.54 22.94
CA GLN A 50 7.48 1.31 23.04
C GLN A 50 6.86 0.56 21.89
C GLN A 50 6.86 0.40 21.96
N TRP A 51 5.53 0.45 21.81
CA TRP A 51 4.84 -0.37 20.82
C TRP A 51 5.13 0.16 19.39
N GLN A 52 5.04 1.47 19.27
CA GLN A 52 5.26 2.15 18.00
C GLN A 52 6.71 1.89 17.54
N ASP A 53 7.66 1.98 18.48
CA ASP A 53 9.07 1.71 18.20
C ASP A 53 9.31 0.24 17.84
N GLY A 54 8.59 -0.65 18.51
CA GLY A 54 8.69 -2.08 18.25
C GLY A 54 8.21 -2.42 16.84
N VAL A 55 7.13 -1.78 16.42
CA VAL A 55 6.60 -1.95 15.07
C VAL A 55 7.69 -1.55 14.04
N ARG A 56 8.34 -0.42 14.28
CA ARG A 56 9.38 0.07 13.40
C ARG A 56 10.57 -0.88 13.40
N ALA A 57 11.01 -1.34 14.57
CA ALA A 57 12.12 -2.30 14.61
C ALA A 57 11.78 -3.59 13.83
N ALA A 58 10.56 -4.11 13.99
CA ALA A 58 10.13 -5.29 13.24
C ALA A 58 10.11 -5.03 11.72
N MSE A 59 9.62 -3.86 11.31
CA MSE A 59 9.60 -3.50 9.90
C MSE A 59 11.02 -3.46 9.30
O MSE A 59 11.28 -4.02 8.22
CB MSE A 59 8.93 -2.15 9.71
CG MSE A 59 8.69 -1.80 8.26
SE MSE A 59 7.32 -2.89 7.45
CE MSE A 59 5.65 -2.11 8.31
N VAL A 60 11.95 -2.84 10.01
CA VAL A 60 13.35 -2.80 9.61
C VAL A 60 13.88 -4.21 9.43
N GLU A 61 13.62 -5.06 10.42
CA GLU A 61 14.06 -6.45 10.35
C GLU A 61 13.52 -7.22 9.15
N ILE A 62 12.22 -7.12 8.88
CA ILE A 62 11.62 -7.91 7.80
C ILE A 62 11.80 -7.35 6.39
N MSE A 63 12.04 -6.05 6.29
CA MSE A 63 12.20 -5.38 5.01
C MSE A 63 13.64 -5.47 4.44
O MSE A 63 13.83 -5.31 3.25
CB MSE A 63 11.71 -3.92 5.04
CG MSE A 63 10.21 -3.79 5.15
SE MSE A 63 9.20 -4.81 3.80
CE MSE A 63 7.58 -5.14 4.77
N LYS A 64 14.62 -5.70 5.32
CA LYS A 64 16.01 -5.97 4.91
C LYS A 64 16.60 -5.00 3.89
N PHE A 65 16.47 -3.72 4.16
CA PHE A 65 17.05 -2.70 3.32
C PHE A 65 18.57 -2.86 3.33
N PRO A 66 19.21 -2.87 2.15
CA PRO A 66 20.67 -2.94 2.19
C PRO A 66 21.35 -1.59 2.43
N GLU A 67 22.59 -1.63 2.88
CA GLU A 67 23.42 -0.43 3.01
C GLU A 67 24.22 -0.47 1.71
N ILE A 68 24.01 0.51 0.85
CA ILE A 68 24.67 0.53 -0.46
C ILE A 68 25.74 1.59 -0.49
N LYS A 69 26.98 1.14 -0.72
CA LYS A 69 28.14 2.04 -0.87
C LYS A 69 27.80 2.99 -2.00
N ARG A 70 27.70 4.25 -1.60
CA ARG A 70 27.16 5.31 -2.45
C ARG A 70 27.44 5.31 -3.97
N GLN A 71 26.31 5.32 -4.66
CA GLN A 71 26.16 5.34 -6.08
C GLN A 71 26.00 6.82 -6.42
N PRO A 72 26.03 7.17 -7.71
CA PRO A 72 25.84 8.56 -8.07
C PRO A 72 24.47 9.10 -7.70
N SER A 73 24.38 10.41 -7.56
CA SER A 73 23.14 11.07 -7.20
C SER A 73 22.17 11.07 -8.37
N PRO A 74 20.87 11.29 -8.08
CA PRO A 74 19.88 11.36 -9.14
C PRO A 74 20.18 12.45 -10.15
N VAL A 75 19.72 12.25 -11.38
CA VAL A 75 20.00 13.12 -12.50
C VAL A 75 18.76 13.38 -13.30
N CYS A 76 18.47 14.64 -13.61
CA CYS A 76 17.32 14.98 -14.42
C CYS A 76 17.63 14.72 -15.88
N VAL A 77 16.89 13.84 -16.52
CA VAL A 77 17.17 13.49 -17.91
C VAL A 77 16.22 14.12 -18.90
N LYS A 78 15.16 14.75 -18.42
CA LYS A 78 14.24 15.41 -19.32
C LYS A 78 13.35 16.41 -18.58
N THR A 79 13.04 17.53 -19.24
N THR A 79 13.05 17.53 -19.26
CA THR A 79 12.11 18.53 -18.69
CA THR A 79 12.15 18.57 -18.77
C THR A 79 11.27 19.09 -19.84
C THR A 79 11.23 18.99 -19.92
N GLU A 80 9.95 19.15 -19.63
CA GLU A 80 8.99 19.59 -20.63
C GLU A 80 8.00 20.56 -20.03
N LYS A 81 7.54 21.50 -20.84
CA LYS A 81 6.54 22.46 -20.43
C LYS A 81 5.17 21.89 -20.73
N LYS A 82 4.28 21.92 -19.75
CA LYS A 82 2.91 21.44 -19.94
C LYS A 82 1.97 22.62 -19.65
N GLU A 83 0.67 22.43 -19.84
CA GLU A 83 -0.31 23.49 -19.57
C GLU A 83 -0.44 23.71 -18.06
N GLY A 84 0.29 24.68 -17.55
CA GLY A 84 0.25 25.03 -16.14
C GLY A 84 1.27 24.38 -15.24
N TYR A 85 2.15 23.56 -15.81
CA TYR A 85 3.15 22.89 -14.99
C TYR A 85 4.29 22.39 -15.85
N ILE A 86 5.34 21.98 -15.17
CA ILE A 86 6.52 21.38 -15.78
C ILE A 86 6.64 19.89 -15.40
N LEU A 87 6.92 19.05 -16.39
N LEU A 87 6.91 19.05 -16.40
CA LEU A 87 7.12 17.62 -16.21
CA LEU A 87 7.14 17.63 -16.15
C LEU A 87 8.61 17.33 -16.30
C LEU A 87 8.63 17.39 -16.28
N GLU A 88 9.21 16.81 -15.23
CA GLU A 88 10.61 16.42 -15.21
C GLU A 88 10.68 14.90 -15.09
N LYS A 89 11.64 14.27 -15.78
CA LYS A 89 11.93 12.84 -15.63
C LYS A 89 13.31 12.73 -15.02
N TRP A 90 13.43 11.93 -13.97
CA TRP A 90 14.69 11.72 -13.28
C TRP A 90 15.13 10.25 -13.24
N GLU A 91 16.43 10.05 -13.32
CA GLU A 91 17.05 8.74 -13.12
C GLU A 91 17.65 8.73 -11.74
N PHE A 92 17.60 7.58 -11.07
CA PHE A 92 18.35 7.36 -9.83
C PHE A 92 19.01 5.98 -9.90
N TYR A 93 19.98 5.77 -9.04
CA TYR A 93 20.88 4.61 -9.15
C TYR A 93 20.91 3.88 -7.83
N PRO A 94 19.90 3.01 -7.59
CA PRO A 94 19.78 2.34 -6.29
C PRO A 94 20.85 1.31 -5.94
N PHE A 95 21.43 0.67 -6.94
CA PHE A 95 22.45 -0.32 -6.74
C PHE A 95 23.43 -0.25 -7.89
N PRO A 96 24.62 -0.83 -7.72
CA PRO A 96 25.56 -0.99 -8.83
C PRO A 96 24.86 -1.67 -9.99
N LYS A 97 25.16 -1.23 -11.22
CA LYS A 97 24.60 -1.84 -12.43
C LYS A 97 23.09 -1.69 -12.58
N SER A 98 22.46 -0.78 -11.83
CA SER A 98 21.00 -0.64 -11.87
C SER A 98 20.55 0.81 -12.00
N VAL A 99 19.42 1.00 -12.66
CA VAL A 99 18.84 2.32 -12.78
C VAL A 99 17.34 2.23 -12.64
N SER A 100 16.76 3.27 -12.04
CA SER A 100 15.33 3.41 -11.88
C SER A 100 14.96 4.85 -12.25
N THR A 101 13.69 5.14 -12.39
CA THR A 101 13.26 6.48 -12.81
C THR A 101 12.03 6.94 -12.02
N PHE A 102 11.78 8.24 -12.01
CA PHE A 102 10.54 8.80 -11.44
C PHE A 102 10.22 10.08 -12.18
N LEU A 103 8.96 10.52 -12.07
CA LEU A 103 8.51 11.74 -12.72
C LEU A 103 8.15 12.78 -11.64
N VAL A 104 8.34 14.04 -11.99
CA VAL A 104 8.07 15.15 -11.08
C VAL A 104 7.25 16.18 -11.81
N LEU A 105 6.12 16.57 -11.23
CA LEU A 105 5.27 17.64 -11.77
C LEU A 105 5.43 18.84 -10.83
N LYS A 106 5.81 20.00 -11.40
CA LYS A 106 6.01 21.22 -10.64
C LYS A 106 5.07 22.27 -11.17
N PRO A 107 4.33 22.93 -10.27
CA PRO A 107 3.43 23.96 -10.76
C PRO A 107 4.21 25.10 -11.40
N GLU A 108 3.65 25.67 -12.46
CA GLU A 108 4.23 26.79 -13.18
C GLU A 108 4.36 27.99 -12.24
N HIS A 109 5.43 28.76 -12.41
CA HIS A 109 5.67 29.96 -11.60
C HIS A 109 5.75 29.66 -10.11
N LEU A 110 6.28 28.48 -9.77
CA LEU A 110 6.42 28.08 -8.39
C LEU A 110 7.34 29.09 -7.72
N LYS A 111 6.85 29.72 -6.65
CA LYS A 111 7.65 30.68 -5.90
C LYS A 111 8.34 29.95 -4.76
N GLY A 112 7.79 30.03 -3.55
CA GLY A 112 8.39 29.39 -2.39
C GLY A 112 8.06 27.91 -2.37
N ALA A 113 8.58 27.20 -1.38
CA ALA A 113 8.34 25.77 -1.22
C ALA A 113 6.86 25.47 -1.01
N VAL A 114 6.42 24.35 -1.58
CA VAL A 114 5.03 23.92 -1.48
C VAL A 114 4.99 22.45 -1.04
N PRO A 115 3.81 21.96 -0.61
CA PRO A 115 3.74 20.57 -0.24
C PRO A 115 4.05 19.66 -1.44
N GLY A 116 4.65 18.52 -1.14
CA GLY A 116 5.00 17.50 -2.14
C GLY A 116 4.23 16.22 -1.85
N VAL A 117 3.70 15.59 -2.90
CA VAL A 117 2.95 14.36 -2.76
C VAL A 117 3.63 13.25 -3.57
N LEU A 118 4.05 12.21 -2.87
CA LEU A 118 4.66 11.02 -3.48
C LEU A 118 3.51 10.10 -3.85
N CYS A 119 3.31 9.89 -5.15
CA CYS A 119 2.20 9.15 -5.68
C CYS A 119 2.63 7.76 -6.07
N ILE A 120 1.99 6.74 -5.49
CA ILE A 120 2.39 5.33 -5.76
C ILE A 120 1.21 4.62 -6.41
N PRO A 121 1.39 4.06 -7.64
CA PRO A 121 0.28 3.52 -8.39
C PRO A 121 -0.23 2.14 -7.98
N GLY A 122 -1.33 1.73 -8.59
CA GLY A 122 -1.93 0.44 -8.32
C GLY A 122 -1.35 -0.68 -9.16
N SER A 123 -1.87 -1.89 -8.93
CA SER A 123 -1.48 -3.06 -9.69
C SER A 123 -1.87 -2.85 -11.14
N GLY A 124 -0.96 -3.21 -12.04
CA GLY A 124 -1.20 -3.07 -13.45
C GLY A 124 -0.96 -1.67 -13.95
N ARG A 125 -0.46 -0.77 -13.08
CA ARG A 125 -0.35 0.64 -13.44
C ARG A 125 1.04 1.21 -13.26
N THR A 126 1.18 2.42 -13.78
CA THR A 126 2.45 3.08 -13.96
C THR A 126 2.44 4.55 -13.60
N LYS A 127 3.63 5.11 -13.43
CA LYS A 127 3.83 6.52 -13.14
C LYS A 127 3.32 7.42 -14.28
N GLU A 128 3.34 6.94 -15.52
CA GLU A 128 2.86 7.71 -16.65
C GLU A 128 1.34 7.91 -16.52
N GLY A 129 0.62 6.85 -16.13
CA GLY A 129 -0.80 6.98 -15.90
C GLY A 129 -1.05 8.02 -14.81
N LEU A 130 -0.22 8.00 -13.77
CA LEU A 130 -0.39 8.89 -12.62
C LEU A 130 -0.24 10.35 -13.02
N VAL A 131 0.68 10.64 -13.94
CA VAL A 131 0.91 12.04 -14.40
C VAL A 131 0.04 12.42 -15.61
N GLY A 132 -0.86 11.55 -16.03
CA GLY A 132 -1.74 11.82 -17.17
C GLY A 132 -1.07 11.79 -18.54
N GLU A 133 -0.13 10.86 -18.72
CA GLU A 133 0.64 10.73 -19.97
C GLU A 133 0.49 9.32 -20.53
N PRO A 134 0.69 9.17 -21.85
CA PRO A 134 0.58 7.84 -22.40
C PRO A 134 1.78 6.99 -21.95
N GLY A 135 1.67 5.69 -22.17
CA GLY A 135 2.69 4.75 -21.73
C GLY A 135 4.03 4.92 -22.40
N ILE A 136 5.04 4.33 -21.80
CA ILE A 136 6.38 4.40 -22.33
C ILE A 136 6.40 3.58 -23.65
N CYS A 137 5.55 2.54 -23.69
CA CYS A 137 5.29 1.75 -24.87
C CYS A 137 3.79 1.68 -24.95
N ASP A 138 3.24 1.56 -26.14
CA ASP A 138 1.78 1.56 -26.35
C ASP A 138 1.01 0.53 -25.56
N LYS A 139 1.51 -0.69 -25.45
CA LYS A 139 0.79 -1.73 -24.69
C LYS A 139 0.74 -1.45 -23.18
N LEU A 140 1.58 -0.54 -22.70
CA LEU A 140 1.61 -0.21 -21.27
C LEU A 140 0.75 0.99 -20.90
N THR A 141 0.09 1.57 -21.89
CA THR A 141 -0.75 2.75 -21.71
C THR A 141 -2.01 2.50 -20.92
N GLU A 142 -2.37 3.44 -20.04
CA GLU A 142 -3.59 3.36 -19.24
C GLU A 142 -4.62 4.38 -19.75
N ASP A 143 -5.78 4.44 -19.10
CA ASP A 143 -6.79 5.48 -19.39
C ASP A 143 -6.30 6.78 -18.72
N TYR A 144 -5.21 7.32 -19.25
CA TYR A 144 -4.50 8.42 -18.58
C TYR A 144 -5.22 9.77 -18.54
N ASN A 145 -6.21 9.97 -19.40
CA ASN A 145 -7.00 11.21 -19.37
C ASN A 145 -8.15 11.19 -18.37
N ASN A 146 -8.34 10.05 -17.68
CA ASN A 146 -9.38 9.91 -16.67
C ASN A 146 -8.83 10.41 -15.35
N PRO A 147 -9.47 11.44 -14.75
CA PRO A 147 -8.95 11.93 -13.48
C PRO A 147 -8.94 10.88 -12.36
N LYS A 148 -9.72 9.82 -12.50
CA LYS A 148 -9.70 8.70 -11.55
C LYS A 148 -8.38 7.93 -11.56
N VAL A 149 -7.62 8.07 -12.65
CA VAL A 149 -6.33 7.43 -12.83
C VAL A 149 -5.17 8.38 -12.54
N SER A 150 -5.24 9.61 -13.10
CA SER A 150 -4.13 10.58 -13.05
C SER A 150 -3.91 11.31 -11.72
N MSE A 151 -3.68 10.53 -10.67
CA MSE A 151 -3.50 11.03 -9.32
C MSE A 151 -2.49 12.15 -9.22
O MSE A 151 -2.76 13.16 -8.58
CB MSE A 151 -3.08 9.90 -8.37
CG MSE A 151 -2.89 10.33 -6.92
SE MSE A 151 -1.74 9.18 -5.91
CE MSE A 151 -2.69 7.57 -6.17
N ALA A 152 -1.31 11.97 -9.82
CA ALA A 152 -0.22 12.96 -9.74
C ALA A 152 -0.59 14.28 -10.44
N LEU A 153 -1.16 14.19 -11.62
CA LEU A 153 -1.62 15.35 -12.36
C LEU A 153 -2.66 16.11 -11.51
N ASN A 154 -3.55 15.38 -10.84
CA ASN A 154 -4.55 16.00 -10.00
C ASN A 154 -3.89 16.79 -8.90
N MSE A 155 -2.81 16.26 -8.36
N MSE A 155 -2.83 16.24 -8.33
CA MSE A 155 -2.09 16.93 -7.27
CA MSE A 155 -2.10 16.92 -7.26
C MSE A 155 -1.39 18.20 -7.72
C MSE A 155 -1.46 18.23 -7.76
O MSE A 155 -1.34 19.19 -6.98
O MSE A 155 -1.58 19.26 -7.10
CB MSE A 155 -1.07 16.00 -6.65
CB MSE A 155 -1.00 16.05 -6.65
CG MSE A 155 -1.65 14.75 -6.03
CG MSE A 155 -1.43 14.82 -5.83
SE MSE A 155 -3.10 15.14 -4.83
SE MSE A 155 -2.62 15.14 -4.30
CE MSE A 155 -3.50 13.32 -4.29
CE MSE A 155 -4.26 15.06 -5.35
N VAL A 156 -0.80 18.19 -8.93
CA VAL A 156 -0.12 19.42 -9.43
C VAL A 156 -1.15 20.51 -9.73
N LYS A 157 -2.33 20.12 -10.18
CA LYS A 157 -3.44 21.04 -10.41
C LYS A 157 -3.95 21.70 -9.12
N GLU A 158 -3.63 21.12 -7.96
CA GLU A 158 -3.93 21.69 -6.65
C GLU A 158 -2.81 22.61 -6.17
N GLY A 159 -1.72 22.73 -6.93
CA GLY A 159 -0.59 23.57 -6.55
C GLY A 159 0.49 22.88 -5.74
N TYR A 160 0.45 21.55 -5.71
CA TYR A 160 1.44 20.79 -4.99
C TYR A 160 2.45 20.26 -6.00
N VAL A 161 3.64 19.93 -5.52
CA VAL A 161 4.62 19.22 -6.32
C VAL A 161 4.21 17.74 -6.21
N ALA A 162 4.09 17.06 -7.36
CA ALA A 162 3.70 15.65 -7.38
C ALA A 162 4.90 14.85 -7.88
N VAL A 163 5.25 13.75 -7.21
CA VAL A 163 6.34 12.88 -7.61
C VAL A 163 5.71 11.49 -7.82
N ALA A 164 5.81 10.96 -9.05
CA ALA A 164 5.21 9.70 -9.42
C ALA A 164 6.26 8.61 -9.61
N VAL A 165 6.11 7.50 -8.89
CA VAL A 165 7.04 6.38 -8.97
C VAL A 165 6.37 5.16 -9.59
N ASP A 166 7.19 4.18 -9.99
CA ASP A 166 6.69 2.93 -10.48
C ASP A 166 6.76 1.92 -9.34
N ASN A 167 6.03 0.82 -9.54
CA ASN A 167 6.17 -0.36 -8.70
C ASN A 167 7.12 -1.30 -9.44
N ALA A 168 7.93 -2.04 -8.68
CA ALA A 168 8.90 -2.95 -9.26
C ALA A 168 8.25 -3.93 -10.23
N ALA A 169 8.89 -4.07 -11.40
CA ALA A 169 8.47 -4.97 -12.48
C ALA A 169 7.39 -4.40 -13.40
N ALA A 170 6.90 -3.18 -13.10
CA ALA A 170 5.82 -2.56 -13.87
C ALA A 170 6.31 -1.32 -14.61
N GLY A 171 5.60 -1.00 -15.66
CA GLY A 171 5.87 0.19 -16.47
C GLY A 171 7.25 0.19 -17.11
N GLU A 172 7.96 1.27 -16.89
CA GLU A 172 9.29 1.43 -17.46
C GLU A 172 10.21 0.40 -16.86
N ALA A 173 9.84 -0.17 -15.71
CA ALA A 173 10.65 -1.23 -15.09
C ALA A 173 10.29 -2.61 -15.58
N SER A 174 9.42 -2.71 -16.57
CA SER A 174 8.93 -4.00 -17.03
C SER A 174 9.97 -4.67 -17.94
N ASP A 175 9.65 -5.88 -18.35
CA ASP A 175 10.57 -6.71 -19.12
C ASP A 175 10.03 -6.90 -20.53
N LEU A 176 9.29 -7.98 -20.80
CA LEU A 176 8.78 -8.29 -22.13
C LEU A 176 7.32 -7.93 -22.32
N GLU A 177 6.72 -7.29 -21.32
CA GLU A 177 5.29 -7.00 -21.40
C GLU A 177 4.91 -6.08 -22.58
N CYS A 178 5.79 -5.15 -22.94
CA CYS A 178 5.50 -4.24 -24.04
C CYS A 178 5.27 -4.95 -25.40
N TYR A 179 5.64 -6.23 -25.49
CA TYR A 179 5.47 -7.02 -26.69
C TYR A 179 4.21 -7.85 -26.71
N ASP A 180 3.56 -8.05 -25.57
CA ASP A 180 2.40 -8.93 -25.53
C ASP A 180 1.55 -8.74 -24.29
N LYS A 181 2.05 -9.15 -23.13
CA LYS A 181 1.24 -9.19 -21.90
C LYS A 181 0.73 -7.86 -21.32
N GLY A 182 1.36 -6.75 -21.72
CA GLY A 182 0.96 -5.39 -21.31
C GLY A 182 0.88 -5.15 -19.80
N TRP A 183 -0.30 -4.72 -19.35
CA TRP A 183 -0.57 -4.43 -17.93
C TRP A 183 -0.40 -5.66 -17.04
N ASN A 184 -0.45 -6.86 -17.63
CA ASN A 184 -0.29 -8.10 -16.88
C ASN A 184 1.20 -8.37 -16.63
N TYR A 185 1.81 -7.55 -15.79
CA TYR A 185 3.23 -7.63 -15.46
C TYR A 185 3.58 -8.87 -14.66
N ASP A 186 4.75 -9.44 -14.93
CA ASP A 186 5.21 -10.62 -14.20
C ASP A 186 5.94 -10.20 -12.91
N TYR A 187 5.16 -9.71 -11.98
CA TYR A 187 5.64 -9.34 -10.68
C TYR A 187 6.14 -10.56 -9.93
N ASP A 188 5.49 -11.69 -10.14
CA ASP A 188 5.82 -12.88 -9.36
C ASP A 188 7.20 -13.46 -9.63
N VAL A 189 7.63 -13.51 -10.90
CA VAL A 189 8.95 -14.07 -11.22
C VAL A 189 10.02 -13.17 -10.58
N VAL A 190 9.83 -11.86 -10.63
CA VAL A 190 10.72 -10.93 -9.94
C VAL A 190 10.71 -11.21 -8.43
N SER A 191 9.53 -11.44 -7.87
CA SER A 191 9.40 -11.72 -6.44
C SER A 191 10.15 -12.98 -6.08
N ARG A 192 10.08 -14.00 -6.94
CA ARG A 192 10.80 -15.26 -6.65
C ARG A 192 12.30 -15.07 -6.54
N PHE A 193 12.89 -14.36 -7.49
CA PHE A 193 14.35 -14.08 -7.40
C PHE A 193 14.67 -13.41 -6.07
N LEU A 194 13.87 -12.40 -5.71
CA LEU A 194 14.12 -11.65 -4.46
C LEU A 194 13.97 -12.52 -3.24
N LEU A 195 12.91 -13.33 -3.23
CA LEU A 195 12.66 -14.25 -2.10
C LEU A 195 13.78 -15.26 -1.95
N GLU A 196 14.28 -15.78 -3.08
CA GLU A 196 15.42 -16.72 -3.05
C GLU A 196 16.60 -16.08 -2.36
N LEU A 197 16.81 -14.78 -2.61
CA LEU A 197 17.93 -14.02 -2.02
C LEU A 197 17.70 -13.48 -0.59
N GLY A 198 16.61 -13.91 0.06
CA GLY A 198 16.29 -13.51 1.44
C GLY A 198 15.52 -12.20 1.51
N TRP A 199 15.15 -11.65 0.35
CA TRP A 199 14.47 -10.35 0.28
C TRP A 199 13.00 -10.55 -0.12
N SER A 200 12.35 -9.53 -0.66
CA SER A 200 10.96 -9.60 -1.05
C SER A 200 10.68 -8.49 -2.03
N TRP A 201 9.58 -8.66 -2.77
CA TRP A 201 9.13 -7.64 -3.69
C TRP A 201 8.87 -6.32 -2.95
N LEU A 202 8.18 -6.39 -1.83
CA LEU A 202 7.86 -5.14 -1.13
C LEU A 202 9.13 -4.52 -0.56
N GLY A 203 10.05 -5.34 -0.06
CA GLY A 203 11.31 -4.82 0.50
C GLY A 203 12.10 -4.07 -0.57
N TYR A 204 12.15 -4.67 -1.75
CA TYR A 204 12.83 -4.07 -2.89
C TYR A 204 12.19 -2.76 -3.33
N THR A 205 10.90 -2.79 -3.65
N THR A 205 10.89 -2.83 -3.57
CA THR A 205 10.23 -1.59 -4.20
CA THR A 205 10.06 -1.72 -4.00
C THR A 205 10.19 -0.48 -3.13
C THR A 205 10.14 -0.53 -3.03
N SER A 206 10.09 -0.84 -1.87
N SER A 206 10.04 -0.81 -1.73
CA SER A 206 10.12 0.16 -0.79
CA SER A 206 10.11 0.27 -0.75
C SER A 206 11.52 0.79 -0.66
C SER A 206 11.54 0.81 -0.61
N TYR A 207 12.56 -0.01 -0.86
CA TYR A 207 13.93 0.48 -0.78
C TYR A 207 14.15 1.54 -1.89
N LEU A 208 13.65 1.28 -3.09
CA LEU A 208 13.70 2.21 -4.20
C LEU A 208 12.87 3.46 -3.91
N ASP A 209 11.65 3.27 -3.43
CA ASP A 209 10.79 4.44 -3.11
C ASP A 209 11.41 5.31 -2.01
N MSE A 210 12.12 4.71 -1.08
CA MSE A 210 12.80 5.48 -0.02
C MSE A 210 13.84 6.43 -0.64
O MSE A 210 14.03 7.52 -0.11
CB MSE A 210 13.43 4.57 1.01
CG MSE A 210 14.23 5.28 2.10
SE MSE A 210 13.04 6.45 3.10
CE MSE A 210 12.09 5.10 3.97
N GLN A 211 14.47 6.04 -1.73
N GLN A 211 14.49 6.01 -1.72
CA GLN A 211 15.46 6.90 -2.38
CA GLN A 211 15.47 6.84 -2.45
C GLN A 211 14.80 8.11 -3.02
C GLN A 211 14.80 8.08 -3.01
N VAL A 212 13.61 7.91 -3.57
CA VAL A 212 12.83 9.00 -4.14
C VAL A 212 12.37 9.94 -3.01
N LEU A 213 11.92 9.38 -1.89
CA LEU A 213 11.52 10.19 -0.75
C LEU A 213 12.73 11.02 -0.25
N ASN A 214 13.89 10.39 -0.17
CA ASN A 214 15.10 11.08 0.23
C ASN A 214 15.45 12.22 -0.73
N TRP A 215 15.24 11.99 -2.02
CA TRP A 215 15.43 13.04 -3.02
C TRP A 215 14.45 14.22 -2.76
N MSE A 216 13.19 13.91 -2.46
CA MSE A 216 12.20 14.97 -2.20
C MSE A 216 12.58 15.81 -0.98
O MSE A 216 12.33 17.02 -0.97
CB MSE A 216 10.83 14.37 -1.97
CG MSE A 216 10.22 13.66 -3.19
SE MSE A 216 8.53 12.80 -2.65
CE MSE A 216 7.34 14.48 -2.42
N LYS A 217 13.18 15.20 0.03
CA LYS A 217 13.58 15.91 1.24
C LYS A 217 14.75 16.86 0.98
N ALA A 218 15.42 16.70 -0.16
CA ALA A 218 16.55 17.54 -0.51
C ALA A 218 16.17 18.67 -1.46
N GLN A 219 14.93 18.73 -1.93
CA GLN A 219 14.54 19.81 -2.86
C GLN A 219 14.09 21.06 -2.10
N SER A 220 14.65 22.19 -2.49
CA SER A 220 14.40 23.48 -1.87
C SER A 220 12.96 23.97 -2.10
N TYR A 221 12.35 23.53 -3.18
CA TYR A 221 11.00 23.94 -3.53
C TYR A 221 9.90 23.01 -2.96
N ILE A 222 10.29 21.96 -2.25
CA ILE A 222 9.33 21.09 -1.58
C ILE A 222 9.41 21.31 -0.08
N ARG A 223 8.27 21.63 0.52
CA ARG A 223 8.22 21.81 1.97
C ARG A 223 8.53 20.49 2.64
N LYS A 224 9.67 20.44 3.30
CA LYS A 224 10.15 19.23 3.95
C LYS A 224 9.18 18.77 5.06
N ASP A 225 8.44 19.72 5.61
CA ASP A 225 7.49 19.44 6.67
C ASP A 225 6.06 19.20 6.15
N ARG A 226 5.89 19.13 4.82
CA ARG A 226 4.61 18.86 4.22
C ARG A 226 4.72 17.86 3.09
N ILE A 227 5.38 16.73 3.36
CA ILE A 227 5.48 15.66 2.37
C ILE A 227 4.36 14.66 2.71
N VAL A 228 3.57 14.34 1.72
CA VAL A 228 2.47 13.40 1.83
C VAL A 228 2.75 12.18 0.96
N ILE A 229 2.34 10.99 1.40
CA ILE A 229 2.46 9.82 0.52
C ILE A 229 1.04 9.39 0.22
N SER A 230 0.71 9.23 -1.05
CA SER A 230 -0.62 8.83 -1.49
C SER A 230 -0.49 7.57 -2.30
N GLY A 231 -1.07 6.49 -1.80
CA GLY A 231 -1.01 5.22 -2.48
C GLY A 231 -2.36 4.77 -2.95
N PHE A 232 -2.42 4.27 -4.20
CA PHE A 232 -3.63 3.68 -4.72
C PHE A 232 -3.42 2.17 -4.81
N SER A 233 -4.34 1.42 -4.24
CA SER A 233 -4.34 -0.03 -4.34
C SER A 233 -3.00 -0.60 -3.82
N LEU A 234 -2.31 -1.42 -4.62
CA LEU A 234 -0.98 -1.93 -4.29
C LEU A 234 -0.04 -0.88 -3.69
N GLY A 235 -0.12 0.35 -4.20
CA GLY A 235 0.73 1.44 -3.73
C GLY A 235 0.63 1.76 -2.24
N THR A 236 -0.42 1.30 -1.58
CA THR A 236 -0.55 1.50 -0.14
C THR A 236 0.48 0.68 0.65
N GLU A 237 1.04 -0.37 0.04
CA GLU A 237 1.99 -1.22 0.75
C GLU A 237 3.36 -0.56 0.96
N PRO A 238 4.00 -0.06 -0.12
CA PRO A 238 5.22 0.72 0.10
C PRO A 238 4.97 2.00 0.93
N MSE A 239 3.79 2.61 0.83
N MSE A 239 3.78 2.61 0.81
CA MSE A 239 3.48 3.78 1.66
CA MSE A 239 3.40 3.78 1.63
C MSE A 239 3.56 3.42 3.14
C MSE A 239 3.51 3.44 3.12
O MSE A 239 4.07 4.20 3.94
O MSE A 239 4.04 4.23 3.91
CB MSE A 239 2.11 4.32 1.33
CB MSE A 239 1.97 4.24 1.34
CG MSE A 239 1.68 5.46 2.22
CG MSE A 239 1.46 5.51 2.10
SE MSE A 239 -0.04 6.05 1.70
SE MSE A 239 -0.42 5.40 2.62
CE MSE A 239 -1.08 4.78 2.76
CE MSE A 239 -0.19 4.19 4.06
N MSE A 240 3.01 2.25 3.49
CA MSE A 240 3.06 1.81 4.87
C MSE A 240 4.49 1.62 5.34
O MSE A 240 4.84 2.02 6.45
CB MSE A 240 2.28 0.50 5.08
CG MSE A 240 0.77 0.67 5.21
SE MSE A 240 -0.05 -1.06 5.68
CE MSE A 240 -0.32 -1.65 3.92
N VAL A 241 5.33 0.99 4.50
CA VAL A 241 6.72 0.78 4.86
C VAL A 241 7.44 2.13 5.04
N LEU A 242 7.31 3.04 4.09
CA LEU A 242 7.95 4.37 4.23
C LEU A 242 7.44 5.17 5.45
N GLY A 243 6.15 5.12 5.69
CA GLY A 243 5.53 5.82 6.83
C GLY A 243 6.06 5.34 8.16
N VAL A 244 6.20 4.03 8.31
CA VAL A 244 6.74 3.46 9.54
C VAL A 244 8.20 3.86 9.73
N LEU A 245 8.97 3.84 8.65
CA LEU A 245 10.39 4.15 8.75
C LEU A 245 10.73 5.62 8.90
N ASP A 246 9.90 6.50 8.37
CA ASP A 246 10.15 7.92 8.40
C ASP A 246 9.03 8.69 9.12
N LYS A 247 9.28 9.04 10.37
CA LYS A 247 8.32 9.80 11.18
C LYS A 247 8.07 11.23 10.74
N ASP A 248 8.92 11.78 9.87
CA ASP A 248 8.76 13.14 9.40
C ASP A 248 7.81 13.31 8.22
N ILE A 249 7.32 12.22 7.64
CA ILE A 249 6.30 12.32 6.61
C ILE A 249 5.12 13.00 7.31
N TYR A 250 4.46 13.91 6.63
CA TYR A 250 3.41 14.70 7.26
C TYR A 250 2.01 14.03 7.26
N ALA A 251 1.64 13.38 6.17
CA ALA A 251 0.30 12.83 6.05
C ALA A 251 0.26 11.68 5.05
N PHE A 252 -0.81 10.88 5.10
CA PHE A 252 -0.98 9.70 4.27
C PHE A 252 -2.38 9.60 3.65
N VAL A 253 -2.46 9.11 2.41
CA VAL A 253 -3.71 8.81 1.73
C VAL A 253 -3.72 7.29 1.46
N TYR A 254 -4.62 6.59 2.11
CA TYR A 254 -4.72 5.13 1.99
C TYR A 254 -5.89 4.76 1.12
N ASN A 255 -5.67 4.72 -0.20
CA ASN A 255 -6.75 4.44 -1.14
C ASN A 255 -6.84 2.97 -1.57
N ASP A 256 -7.19 2.15 -0.58
CA ASP A 256 -7.51 0.75 -0.74
C ASP A 256 -8.26 0.38 0.53
N PHE A 257 -9.06 -0.67 0.49
CA PHE A 257 -9.72 -1.08 1.72
C PHE A 257 -8.64 -1.55 2.72
N LEU A 258 -8.87 -1.31 3.99
CA LEU A 258 -7.94 -1.70 5.04
C LEU A 258 -8.20 -3.16 5.34
N CYS A 259 -7.20 -3.99 5.02
CA CYS A 259 -7.31 -5.42 5.15
C CYS A 259 -6.48 -6.03 6.27
N GLN A 260 -7.11 -6.92 7.04
CA GLN A 260 -6.44 -7.69 8.07
C GLN A 260 -6.15 -8.99 7.24
N THR A 261 -4.96 -9.01 6.66
CA THR A 261 -4.65 -10.03 5.66
C THR A 261 -4.40 -11.41 6.22
N GLN A 262 -4.01 -11.52 7.50
CA GLN A 262 -3.83 -12.82 8.13
C GLN A 262 -5.19 -13.48 8.24
N GLU A 263 -6.16 -12.74 8.78
CA GLU A 263 -7.53 -13.26 8.88
C GLU A 263 -8.03 -13.68 7.50
N ARG A 264 -7.77 -12.86 6.49
CA ARG A 264 -8.26 -13.15 5.14
C ARG A 264 -7.78 -14.53 4.66
N ALA A 265 -6.49 -14.79 4.84
CA ALA A 265 -5.89 -16.07 4.44
C ALA A 265 -6.48 -17.25 5.24
N VAL A 266 -6.84 -17.01 6.50
CA VAL A 266 -7.50 -18.03 7.36
C VAL A 266 -8.94 -18.30 6.94
N VAL A 267 -9.67 -17.25 6.57
CA VAL A 267 -11.10 -17.41 6.27
C VAL A 267 -11.47 -17.71 4.83
N MSE A 268 -10.61 -17.34 3.87
N MSE A 268 -10.61 -17.29 3.88
CA MSE A 268 -10.94 -17.53 2.46
CA MSE A 268 -10.85 -17.57 2.47
C MSE A 268 -10.48 -18.90 1.97
C MSE A 268 -10.38 -18.94 2.11
O MSE A 268 -9.53 -19.02 1.21
O MSE A 268 -9.26 -19.12 1.61
CB MSE A 268 -10.34 -16.40 1.61
CB MSE A 268 -10.17 -16.55 1.55
CG MSE A 268 -11.07 -16.21 0.27
CG MSE A 268 -10.97 -15.33 1.29
SE MSE A 268 -10.18 -14.98 -0.89
SE MSE A 268 -10.16 -14.24 -0.07
CE MSE A 268 -9.04 -16.21 -1.70
CE MSE A 268 -9.89 -15.53 -1.49
N THR A 269 -11.22 -19.94 2.39
CA THR A 269 -10.88 -21.34 2.12
C THR A 269 -11.91 -22.08 1.24
N LYS A 270 -12.98 -21.39 0.82
CA LYS A 270 -14.00 -22.06 -0.01
C LYS A 270 -13.42 -22.41 -1.39
N PRO A 271 -13.50 -23.69 -1.80
CA PRO A 271 -12.90 -24.09 -3.08
C PRO A 271 -13.51 -23.38 -4.27
N ASP A 272 -12.70 -23.11 -5.27
CA ASP A 272 -13.15 -22.43 -6.47
C ASP A 272 -13.57 -23.48 -7.49
N LYS A 273 -13.79 -23.03 -8.73
CA LYS A 273 -14.25 -23.89 -9.79
C LYS A 273 -13.24 -24.98 -10.14
N GLU A 274 -11.96 -24.74 -9.87
CA GLU A 274 -10.90 -25.73 -10.12
C GLU A 274 -10.67 -26.67 -8.96
N ASN A 275 -11.47 -26.53 -7.90
CA ASN A 275 -11.32 -27.31 -6.68
C ASN A 275 -10.01 -27.02 -5.97
N ARG A 276 -9.58 -25.76 -6.04
CA ARG A 276 -8.44 -25.27 -5.31
C ARG A 276 -8.95 -24.27 -4.29
N ARG A 277 -8.13 -24.00 -3.29
CA ARG A 277 -8.34 -22.97 -2.29
C ARG A 277 -7.30 -21.90 -2.63
N PRO A 278 -7.63 -20.98 -3.54
CA PRO A 278 -6.62 -20.00 -3.94
C PRO A 278 -6.17 -19.09 -2.80
N PHE A 279 -4.88 -18.79 -2.71
CA PHE A 279 -4.40 -17.87 -1.68
C PHE A 279 -4.98 -16.49 -2.08
N PRO A 280 -5.29 -15.62 -1.11
CA PRO A 280 -5.90 -14.35 -1.48
C PRO A 280 -5.13 -13.48 -2.48
N ASN A 281 -3.81 -13.58 -2.53
CA ASN A 281 -3.01 -12.82 -3.47
C ASN A 281 -1.70 -13.59 -3.77
N SER A 282 -0.88 -13.10 -4.70
CA SER A 282 0.30 -13.85 -5.14
C SER A 282 1.55 -13.51 -4.33
N ILE A 283 2.67 -14.17 -4.67
CA ILE A 283 3.93 -13.96 -3.92
C ILE A 283 4.48 -12.54 -4.05
N ARG A 284 3.91 -11.73 -4.94
CA ARG A 284 4.23 -10.28 -4.95
C ARG A 284 3.95 -9.73 -3.53
N HIS A 285 3.03 -10.38 -2.79
CA HIS A 285 2.63 -9.91 -1.44
C HIS A 285 3.24 -10.72 -0.30
N LEU A 286 4.20 -11.59 -0.59
CA LEU A 286 4.88 -12.38 0.42
C LEU A 286 6.12 -11.69 0.98
N ILE A 287 6.07 -11.34 2.27
CA ILE A 287 7.21 -10.84 2.99
C ILE A 287 7.36 -11.83 4.11
N PRO A 288 8.32 -12.75 3.98
CA PRO A 288 8.41 -13.78 5.02
C PRO A 288 8.53 -13.26 6.46
N GLY A 289 7.70 -13.84 7.34
CA GLY A 289 7.68 -13.47 8.75
C GLY A 289 6.86 -12.27 9.18
N TYR A 290 6.19 -11.60 8.24
CA TYR A 290 5.40 -10.39 8.51
C TYR A 290 4.34 -10.62 9.58
N TRP A 291 3.57 -11.70 9.40
CA TRP A 291 2.49 -12.01 10.34
C TRP A 291 2.93 -12.41 11.75
N ARG A 292 4.22 -12.73 11.95
CA ARG A 292 4.72 -12.98 13.29
C ARG A 292 4.77 -11.69 14.11
N TYR A 293 4.76 -10.56 13.41
CA TYR A 293 4.83 -9.25 14.01
C TYR A 293 3.54 -8.41 13.98
N PHE A 294 2.82 -8.36 12.87
CA PHE A 294 1.67 -7.49 12.78
C PHE A 294 0.82 -7.70 11.53
N ASN A 295 -0.28 -6.97 11.50
CA ASN A 295 -1.18 -6.91 10.34
C ASN A 295 -1.33 -5.45 9.95
N PHE A 296 -1.93 -5.19 8.78
CA PHE A 296 -2.04 -3.84 8.26
C PHE A 296 -2.71 -2.84 9.22
N PRO A 297 -3.79 -3.24 9.90
CA PRO A 297 -4.40 -2.28 10.84
C PRO A 297 -3.45 -1.85 11.95
N ASP A 298 -2.63 -2.77 12.45
CA ASP A 298 -1.63 -2.44 13.47
C ASP A 298 -0.59 -1.50 12.88
N VAL A 299 -0.17 -1.77 11.64
CA VAL A 299 0.88 -0.99 11.02
C VAL A 299 0.40 0.43 10.79
N VAL A 300 -0.75 0.60 10.17
CA VAL A 300 -1.23 1.97 9.91
C VAL A 300 -1.52 2.68 11.23
N ALA A 301 -2.01 1.95 12.23
CA ALA A 301 -2.28 2.53 13.54
C ALA A 301 -1.01 3.18 14.10
N SER A 302 0.16 2.55 13.86
CA SER A 302 1.44 3.04 14.37
C SER A 302 1.92 4.31 13.68
N LEU A 303 1.26 4.72 12.61
CA LEU A 303 1.57 5.98 11.94
C LEU A 303 1.07 7.19 12.74
N ALA A 304 0.25 6.94 13.75
CA ALA A 304 -0.26 8.02 14.58
C ALA A 304 0.90 8.85 15.13
N PRO A 305 0.69 10.18 15.26
CA PRO A 305 -0.50 11.02 14.98
C PRO A 305 -0.63 11.61 13.58
N ARG A 306 0.12 11.11 12.59
CA ARG A 306 0.03 11.70 11.26
C ARG A 306 -1.35 11.65 10.66
N PRO A 307 -1.84 12.78 10.13
CA PRO A 307 -3.11 12.74 9.41
C PRO A 307 -3.15 11.61 8.37
N ILE A 308 -4.25 10.85 8.38
CA ILE A 308 -4.43 9.75 7.45
C ILE A 308 -5.89 9.63 7.06
N ILE A 309 -6.13 9.39 5.76
CA ILE A 309 -7.46 9.16 5.26
C ILE A 309 -7.55 7.77 4.60
N PHE A 310 -8.62 7.06 4.95
CA PHE A 310 -8.98 5.75 4.42
C PHE A 310 -10.22 5.99 3.59
N THR A 311 -10.15 5.70 2.29
CA THR A 311 -11.23 6.08 1.38
C THR A 311 -12.08 4.95 0.85
N GLU A 312 -11.75 3.71 1.24
CA GLU A 312 -12.43 2.58 0.64
C GLU A 312 -12.75 1.43 1.62
N GLY A 313 -13.21 1.81 2.79
CA GLY A 313 -13.70 0.81 3.73
C GLY A 313 -12.75 -0.22 4.31
N GLY A 314 -13.35 -1.31 4.72
CA GLY A 314 -12.75 -2.41 5.46
C GLY A 314 -13.75 -2.70 6.58
N LEU A 315 -13.34 -3.51 7.54
CA LEU A 315 -14.20 -3.84 8.68
C LEU A 315 -14.23 -2.71 9.70
N ASP A 316 -15.41 -2.48 10.27
CA ASP A 316 -15.57 -1.53 11.36
C ASP A 316 -14.58 -1.81 12.48
N ARG A 317 -14.30 -3.07 12.76
CA ARG A 317 -13.32 -3.45 13.79
C ARG A 317 -11.94 -2.81 13.58
N ASP A 318 -11.50 -2.79 12.35
CA ASP A 318 -10.15 -2.31 12.02
C ASP A 318 -10.09 -0.79 11.98
N PHE A 319 -11.16 -0.14 11.56
CA PHE A 319 -11.26 1.30 11.74
C PHE A 319 -11.27 1.65 13.25
N ARG A 320 -11.94 0.87 14.09
CA ARG A 320 -11.92 1.12 15.54
C ARG A 320 -10.53 0.99 16.11
N LEU A 321 -9.79 0.01 15.61
CA LEU A 321 -8.43 -0.22 16.07
C LEU A 321 -7.59 1.02 15.76
N VAL A 322 -7.62 1.48 14.51
CA VAL A 322 -6.82 2.64 14.13
C VAL A 322 -7.25 3.86 14.93
N GLN A 323 -8.55 4.03 15.10
CA GLN A 323 -9.04 5.17 15.87
C GLN A 323 -8.51 5.17 17.31
N SER A 324 -8.47 4.00 17.94
CA SER A 324 -7.96 3.85 19.34
C SER A 324 -6.48 4.25 19.44
N ALA A 325 -5.68 3.83 18.45
CA ALA A 325 -4.27 4.22 18.42
C ALA A 325 -4.12 5.73 18.25
N TYR A 326 -4.89 6.31 17.34
CA TYR A 326 -4.85 7.74 17.16
C TYR A 326 -5.26 8.48 18.48
N ALA A 327 -6.23 7.95 19.23
CA ALA A 327 -6.64 8.57 20.48
C ALA A 327 -5.48 8.50 21.47
N ALA A 328 -4.82 7.35 21.54
CA ALA A 328 -3.68 7.15 22.44
C ALA A 328 -2.50 8.07 22.11
N SER A 329 -2.36 8.41 20.85
CA SER A 329 -1.29 9.30 20.40
C SER A 329 -1.62 10.74 20.70
N GLY A 330 -2.88 11.03 21.03
CA GLY A 330 -3.29 12.39 21.38
C GLY A 330 -3.95 13.17 20.27
N LYS A 331 -4.12 12.58 19.09
CA LYS A 331 -4.78 13.25 17.97
C LYS A 331 -5.83 12.33 17.34
N PRO A 332 -6.89 11.99 18.09
CA PRO A 332 -7.91 11.08 17.55
C PRO A 332 -8.52 11.57 16.25
N GLU A 333 -8.59 12.89 16.11
CA GLU A 333 -9.19 13.50 14.94
C GLU A 333 -8.34 13.44 13.64
N ASN A 334 -7.07 13.06 13.75
CA ASN A 334 -6.19 13.01 12.59
C ASN A 334 -6.44 11.82 11.64
N ALA A 335 -7.08 10.78 12.13
CA ALA A 335 -7.45 9.64 11.28
C ALA A 335 -8.88 9.83 10.83
N GLU A 336 -9.12 9.80 9.51
CA GLU A 336 -10.47 9.92 8.94
C GLU A 336 -10.84 8.68 8.12
N PHE A 337 -12.05 8.17 8.34
CA PHE A 337 -12.49 6.91 7.74
C PHE A 337 -13.70 7.00 6.82
N HIS A 338 -13.61 6.37 5.65
CA HIS A 338 -14.74 6.29 4.74
C HIS A 338 -14.90 4.89 4.21
N HIS A 339 -16.16 4.56 3.97
CA HIS A 339 -16.58 3.32 3.35
C HIS A 339 -16.88 3.59 1.90
N TYR A 340 -16.94 2.52 1.12
CA TYR A 340 -17.42 2.60 -0.23
C TYR A 340 -18.87 3.08 -0.12
N PRO A 341 -19.33 3.92 -1.06
CA PRO A 341 -20.72 4.39 -1.01
C PRO A 341 -21.74 3.28 -0.78
N LYS A 342 -21.57 2.14 -1.46
CA LYS A 342 -22.46 0.99 -1.28
C LYS A 342 -22.61 0.53 0.18
N PHE A 343 -21.58 0.70 1.01
CA PHE A 343 -21.60 0.23 2.39
C PHE A 343 -21.50 1.37 3.42
N ALA A 344 -21.71 2.62 3.01
CA ALA A 344 -21.57 3.76 3.93
C ALA A 344 -22.57 3.77 5.10
N ASP A 345 -23.72 3.16 4.89
CA ASP A 345 -24.78 3.08 5.89
C ASP A 345 -24.53 1.84 6.71
N LYS A 346 -24.21 2.02 7.99
CA LYS A 346 -23.87 0.87 8.84
C LYS A 346 -25.00 -0.16 8.90
N ALA A 347 -26.26 0.23 8.63
CA ALA A 347 -27.36 -0.74 8.62
C ALA A 347 -27.12 -1.86 7.61
N VAL A 348 -26.32 -1.62 6.58
CA VAL A 348 -26.03 -2.66 5.60
C VAL A 348 -24.72 -3.41 5.90
N ARG A 349 -23.98 -3.03 6.93
CA ARG A 349 -22.72 -3.70 7.24
C ARG A 349 -22.89 -4.69 8.38
N LYS A 350 -21.98 -5.67 8.46
CA LYS A 350 -21.94 -6.62 9.60
C LYS A 350 -20.68 -6.33 10.38
N ASP A 351 -20.86 -5.72 11.54
CA ASP A 351 -19.76 -5.33 12.37
C ASP A 351 -19.46 -6.46 13.33
N VAL A 352 -18.47 -7.29 12.96
CA VAL A 352 -18.08 -8.46 13.77
C VAL A 352 -16.63 -8.36 14.17
N GLU A 353 -16.28 -8.95 15.32
CA GLU A 353 -14.90 -8.99 15.79
C GLU A 353 -14.09 -10.05 15.05
N HIS A 354 -14.75 -11.08 14.51
CA HIS A 354 -14.09 -12.14 13.74
C HIS A 354 -14.94 -12.57 12.56
N LEU A 355 -14.32 -12.69 11.38
CA LEU A 355 -15.03 -13.18 10.21
C LEU A 355 -15.23 -14.69 10.29
N ASP A 356 -16.27 -15.20 9.66
CA ASP A 356 -16.48 -16.64 9.56
C ASP A 356 -15.53 -17.23 8.53
N GLU A 357 -15.11 -18.47 8.75
CA GLU A 357 -14.29 -19.17 7.76
C GLU A 357 -15.22 -19.71 6.67
N GLY A 358 -14.66 -20.22 5.60
CA GLY A 358 -15.46 -20.75 4.50
C GLY A 358 -15.89 -19.72 3.48
N LEU A 359 -15.18 -18.61 3.39
CA LEU A 359 -15.48 -17.60 2.40
C LEU A 359 -14.73 -17.83 1.12
N ASP A 360 -15.25 -17.24 0.04
CA ASP A 360 -14.51 -17.20 -1.22
C ASP A 360 -14.27 -15.74 -1.49
N SER A 361 -13.64 -15.43 -2.60
CA SER A 361 -13.36 -14.04 -2.89
C SER A 361 -14.62 -13.15 -2.86
N LYS A 362 -15.69 -13.64 -3.46
CA LYS A 362 -16.93 -12.85 -3.53
C LYS A 362 -17.52 -12.59 -2.16
N THR A 363 -17.66 -13.65 -1.37
CA THR A 363 -18.26 -13.51 -0.05
C THR A 363 -17.33 -12.76 0.95
N TYR A 364 -16.00 -12.87 0.75
CA TYR A 364 -15.07 -12.15 1.61
C TYR A 364 -15.23 -10.65 1.37
N PHE A 365 -15.20 -10.23 0.09
CA PHE A 365 -15.39 -8.82 -0.23
C PHE A 365 -16.71 -8.28 0.32
N GLU A 366 -17.77 -9.10 0.26
CA GLU A 366 -19.05 -8.73 0.86
C GLU A 366 -18.89 -8.51 2.36
N ALA A 367 -18.21 -9.43 3.04
CA ALA A 367 -18.05 -9.34 4.48
C ALA A 367 -17.28 -8.10 4.94
N VAL A 368 -16.27 -7.69 4.16
CA VAL A 368 -15.38 -6.58 4.57
C VAL A 368 -15.75 -5.24 3.92
N ASN A 369 -16.92 -5.20 3.27
CA ASN A 369 -17.50 -3.95 2.74
C ASN A 369 -16.74 -3.39 1.54
N VAL A 370 -16.33 -4.27 0.62
CA VAL A 370 -15.60 -3.86 -0.57
C VAL A 370 -16.50 -4.02 -1.78
N ASP A 371 -16.50 -3.01 -2.65
CA ASP A 371 -17.29 -2.96 -3.89
C ASP A 371 -16.33 -2.79 -5.06
N PRO A 372 -15.73 -3.91 -5.52
CA PRO A 372 -14.65 -3.83 -6.52
C PRO A 372 -14.91 -2.99 -7.78
N PRO A 373 -16.12 -3.02 -8.34
CA PRO A 373 -16.32 -2.13 -9.50
C PRO A 373 -16.18 -0.63 -9.23
N SER A 374 -16.20 -0.21 -7.97
CA SER A 374 -16.04 1.20 -7.63
C SER A 374 -14.65 1.53 -7.09
N HIS A 375 -13.69 0.63 -7.30
CA HIS A 375 -12.32 0.82 -6.85
C HIS A 375 -11.59 1.75 -7.80
N TYR A 376 -11.15 2.90 -7.29
CA TYR A 376 -10.43 3.91 -8.08
C TYR A 376 -9.99 5.00 -7.10
N PHE A 377 -9.07 5.85 -7.51
CA PHE A 377 -8.55 6.89 -6.64
C PHE A 377 -9.65 7.92 -6.30
N LYS A 378 -10.01 8.02 -5.03
CA LYS A 378 -11.16 8.83 -4.59
C LYS A 378 -10.85 10.31 -4.46
N ASN A 379 -10.69 10.98 -5.61
CA ASN A 379 -10.40 12.40 -5.63
C ASN A 379 -11.44 13.21 -4.86
N GLU A 380 -12.69 12.81 -5.02
CA GLU A 380 -13.83 13.47 -4.37
C GLU A 380 -13.71 13.56 -2.85
N LEU A 381 -12.95 12.64 -2.25
CA LEU A 381 -12.68 12.65 -0.83
C LEU A 381 -11.29 13.18 -0.52
N VAL A 382 -10.31 12.84 -1.36
CA VAL A 382 -8.93 13.19 -1.05
C VAL A 382 -8.57 14.66 -1.27
N ILE A 383 -8.99 15.24 -2.38
CA ILE A 383 -8.63 16.65 -2.70
C ILE A 383 -9.08 17.62 -1.61
N PRO A 384 -10.36 17.57 -1.22
CA PRO A 384 -10.84 18.43 -0.11
C PRO A 384 -10.15 18.16 1.22
N TRP A 385 -9.86 16.90 1.50
CA TRP A 385 -9.17 16.53 2.74
C TRP A 385 -7.77 17.13 2.77
N LEU A 386 -7.04 16.97 1.65
CA LEU A 386 -5.71 17.58 1.54
C LEU A 386 -5.75 19.12 1.65
N ARG A 387 -6.72 19.77 1.03
CA ARG A 387 -6.86 21.23 1.15
C ARG A 387 -6.87 21.66 2.62
N LYS A 388 -7.57 20.86 3.44
CA LYS A 388 -7.68 21.18 4.86
C LYS A 388 -6.43 20.80 5.65
N VAL A 389 -5.92 19.58 5.47
N VAL A 389 -5.95 19.58 5.45
CA VAL A 389 -4.77 19.15 6.28
CA VAL A 389 -4.79 19.06 6.17
C VAL A 389 -3.47 19.86 5.93
C VAL A 389 -3.50 19.83 5.92
N LEU A 390 -3.31 20.27 4.67
CA LEU A 390 -2.07 20.93 4.24
C LEU A 390 -1.97 22.42 4.56
N LYS A 391 -3.08 23.04 5.02
CA LYS A 391 -3.01 24.43 5.48
C LYS A 391 -1.99 24.52 6.62
C1 EDO B . -20.02 -4.61 17.15
O1 EDO B . -19.47 -3.30 17.42
C2 EDO B . -18.96 -5.73 17.08
O2 EDO B . -18.11 -5.73 18.24
C1 EDO C . -10.98 -4.38 -4.90
O1 EDO C . -10.27 -5.46 -5.50
C2 EDO C . -9.97 -3.36 -4.43
O2 EDO C . -9.39 -3.76 -3.21
C1 EDO D . -0.92 -25.80 14.57
O1 EDO D . -0.43 -24.67 15.33
C2 EDO D . 0.07 -26.96 14.58
O2 EDO D . 0.43 -27.30 15.92
C1 EDO E . -5.79 -1.59 -9.69
O1 EDO E . -4.75 -0.71 -10.14
C2 EDO E . -6.87 -1.69 -10.77
O2 EDO E . -7.38 -0.39 -11.08
C1 EDO F . 0.52 -20.15 -4.08
O1 EDO F . -0.67 -20.94 -4.07
C2 EDO F . 0.22 -18.81 -3.42
O2 EDO F . 1.38 -17.97 -3.44
C1 EDO G . 12.26 -6.68 16.18
O1 EDO G . 12.48 -8.03 15.79
C2 EDO G . 11.25 -6.74 17.33
O2 EDO G . 10.64 -5.46 17.52
C1 EDO H . 18.97 -9.49 2.30
O1 EDO H . 18.51 -10.83 2.08
C2 EDO H . 18.60 -8.58 1.15
O2 EDO H . 18.91 -7.25 1.49
C1 EDO I . -22.31 -6.53 3.64
O1 EDO I . -22.11 -7.26 2.42
C2 EDO I . -22.86 -7.47 4.72
O2 EDO I . -21.77 -8.13 5.38
C1 EDO J . 0.69 -9.64 4.89
O1 EDO J . -0.22 -9.79 3.79
C2 EDO J . 1.92 -8.76 4.63
O2 EDO J . 2.27 -8.73 3.27
C1 EDO K . -9.14 -2.04 19.31
O1 EDO K . -8.19 -1.66 20.30
C2 EDO K . -10.19 -0.94 19.16
O2 EDO K . -11.34 -1.23 19.96
C1 EDO L . 10.26 -1.76 -21.58
O1 EDO L . 11.32 -1.31 -22.43
C2 EDO L . 9.84 -0.62 -20.67
O2 EDO L . 10.94 0.27 -20.50
C1 EDO M . -25.83 -2.23 13.61
O1 EDO M . -24.71 -1.63 14.25
C2 EDO M . -25.86 -2.01 12.10
O2 EDO M . -25.13 -3.03 11.40
C1 PEG N . -4.26 -0.54 -17.99
O1 PEG N . -5.48 -0.22 -18.66
C2 PEG N . -4.41 -0.40 -16.48
O2 PEG N . -4.50 -1.68 -15.85
C3 PEG N . -5.73 -2.36 -16.06
C4 PEG N . -6.25 -2.94 -14.75
O4 PEG N . -5.16 -3.15 -13.84
#